data_9DD4
#
_entry.id   9DD4
#
_cell.length_a   64.972
_cell.length_b   70.666
_cell.length_c   76.393
_cell.angle_alpha   90.000
_cell.angle_beta   90.000
_cell.angle_gamma   90.000
#
_symmetry.space_group_name_H-M   'P 21 21 21'
#
loop_
_entity.id
_entity.type
_entity.pdbx_description
1 polymer 'Designed facilitated dissociation target LHD101An1: LHD101A with an N-terminal extension'
2 water water
#
_entity_poly.entity_id   1
_entity_poly.type   'polypeptide(L)'
_entity_poly.pdbx_seq_one_letter_code
;MSGEEAVRRRFEELLREALAFRERTGGRRETLEHAVRLARELAEFAASHPEFNRQEAVLLAIELMVRAMGVTMETHRSGN
EVKVVIKGLNIDEQRALYRAVRETSKIMGVETEIEVEGDTVTIVVREGSG
;
_entity_poly.pdbx_strand_id   A,B
#
# COMPACT_ATOMS: atom_id res chain seq x y z
N GLU A 5 -13.39 0.64 5.36
CA GLU A 5 -14.31 1.76 5.35
C GLU A 5 -13.57 3.09 5.35
N ALA A 6 -12.52 3.18 6.19
CA ALA A 6 -11.74 4.41 6.25
C ALA A 6 -11.08 4.72 4.92
N VAL A 7 -10.59 3.70 4.22
CA VAL A 7 -9.99 3.91 2.91
C VAL A 7 -11.05 4.30 1.89
N ARG A 8 -12.20 3.62 1.92
CA ARG A 8 -13.29 3.97 1.00
C ARG A 8 -13.79 5.38 1.27
N ARG A 9 -13.86 5.77 2.54
CA ARG A 9 -14.25 7.13 2.87
C ARG A 9 -13.23 8.15 2.39
N ARG A 10 -11.93 7.79 2.43
CA ARG A 10 -10.91 8.71 1.94
C ARG A 10 -11.03 8.92 0.44
N PHE A 11 -11.30 7.84 -0.31
CA PHE A 11 -11.53 7.96 -1.74
C PHE A 11 -12.67 8.93 -2.05
N GLU A 12 -13.74 8.87 -1.27
CA GLU A 12 -14.88 9.74 -1.51
C GLU A 12 -14.52 11.20 -1.27
N GLU A 13 -13.72 11.47 -0.24
CA GLU A 13 -13.26 12.84 0.02
C GLU A 13 -12.35 13.32 -1.10
N LEU A 14 -11.43 12.47 -1.56
CA LEU A 14 -10.54 12.86 -2.64
C LEU A 14 -11.28 12.98 -3.97
N LEU A 15 -12.35 12.20 -4.17
CA LEU A 15 -13.12 12.31 -5.39
C LEU A 15 -13.84 13.66 -5.47
N ARG A 16 -14.41 14.12 -4.35
CA ARG A 16 -15.05 15.43 -4.35
C ARG A 16 -14.04 16.53 -4.66
N GLU A 17 -12.84 16.43 -4.10
CA GLU A 17 -11.79 17.39 -4.43
C GLU A 17 -11.37 17.27 -5.89
N ALA A 18 -11.40 16.06 -6.46
CA ALA A 18 -11.05 15.89 -7.86
C ALA A 18 -12.07 16.54 -8.78
N LEU A 19 -13.36 16.44 -8.44
CA LEU A 19 -14.39 17.02 -9.27
C LEU A 19 -14.44 18.54 -9.14
N ALA A 20 -14.17 19.07 -7.95
CA ALA A 20 -14.13 20.52 -7.79
C ALA A 20 -12.91 21.13 -8.49
N PHE A 21 -11.80 20.39 -8.57
CA PHE A 21 -10.61 20.92 -9.22
C PHE A 21 -10.81 21.05 -10.72
N ARG A 22 -11.29 19.97 -11.37
CA ARG A 22 -11.54 20.02 -12.81
C ARG A 22 -12.59 21.07 -13.17
N GLU A 23 -13.45 21.45 -12.21
CA GLU A 23 -14.42 22.51 -12.47
C GLU A 23 -13.74 23.87 -12.64
N ARG A 24 -12.64 24.11 -11.92
CA ARG A 24 -11.96 25.39 -11.95
C ARG A 24 -10.58 25.31 -12.59
N THR A 25 -10.23 24.16 -13.16
CA THR A 25 -8.88 23.97 -13.70
C THR A 25 -8.63 24.89 -14.89
N GLY A 26 -7.35 25.15 -15.14
CA GLY A 26 -6.93 25.97 -16.25
C GLY A 26 -6.42 25.21 -17.46
N GLY A 27 -6.42 23.89 -17.41
CA GLY A 27 -5.95 23.09 -18.53
C GLY A 27 -5.75 21.66 -18.10
N ARG A 28 -5.52 20.81 -19.09
CA ARG A 28 -5.30 19.40 -18.82
C ARG A 28 -3.96 19.14 -18.13
N ARG A 29 -3.00 20.04 -18.29
CA ARG A 29 -1.72 19.90 -17.61
C ARG A 29 -1.87 20.08 -16.11
N GLU A 30 -2.60 21.12 -15.69
CA GLU A 30 -2.83 21.35 -14.27
C GLU A 30 -3.67 20.24 -13.66
N THR A 31 -4.72 19.81 -14.37
CA THR A 31 -5.57 18.73 -13.89
C THR A 31 -4.78 17.44 -13.72
N LEU A 32 -3.88 17.14 -14.66
CA LEU A 32 -3.07 15.92 -14.57
C LEU A 32 -2.16 15.95 -13.35
N GLU A 33 -1.49 17.08 -13.11
CA GLU A 33 -0.62 17.20 -11.93
C GLU A 33 -1.41 16.98 -10.65
N HIS A 34 -2.60 17.60 -10.55
CA HIS A 34 -3.42 17.40 -9.36
C HIS A 34 -3.94 15.97 -9.27
N ALA A 35 -4.20 15.33 -10.41
CA ALA A 35 -4.72 13.97 -10.39
C ALA A 35 -3.68 12.99 -9.87
N VAL A 36 -2.43 13.15 -10.28
CA VAL A 36 -1.35 12.30 -9.79
C VAL A 36 -1.17 12.50 -8.29
N ARG A 37 -1.26 13.76 -7.83
CA ARG A 37 -1.12 14.04 -6.41
C ARG A 37 -2.21 13.36 -5.59
N LEU A 38 -3.46 13.39 -6.07
CA LEU A 38 -4.55 12.77 -5.35
C LEU A 38 -4.39 11.25 -5.29
N ALA A 39 -3.94 10.65 -6.40
CA ALA A 39 -3.77 9.20 -6.43
C ALA A 39 -2.69 8.76 -5.45
N ARG A 40 -1.63 9.55 -5.29
CA ARG A 40 -0.58 9.21 -4.34
C ARG A 40 -1.08 9.31 -2.91
N GLU A 41 -1.89 10.34 -2.63
CA GLU A 41 -2.48 10.46 -1.30
C GLU A 41 -3.31 9.25 -0.93
N LEU A 42 -4.17 8.80 -1.85
CA LEU A 42 -4.99 7.63 -1.58
C LEU A 42 -4.14 6.39 -1.40
N ALA A 43 -3.11 6.22 -2.24
CA ALA A 43 -2.27 5.04 -2.16
C ALA A 43 -1.54 4.97 -0.82
N GLU A 44 -0.93 6.08 -0.40
CA GLU A 44 -0.24 6.10 0.88
C GLU A 44 -1.22 5.95 2.04
N PHE A 45 -2.42 6.50 1.91
CA PHE A 45 -3.42 6.32 2.97
C PHE A 45 -3.84 4.87 3.07
N ALA A 46 -4.12 4.22 1.92
CA ALA A 46 -4.51 2.82 1.94
C ALA A 46 -3.39 1.93 2.48
N ALA A 47 -2.14 2.27 2.18
CA ALA A 47 -1.01 1.51 2.74
C ALA A 47 -0.98 1.60 4.26
N SER A 48 -1.46 2.70 4.83
CA SER A 48 -1.53 2.83 6.28
C SER A 48 -2.69 2.06 6.88
N HIS A 49 -3.56 1.48 6.05
CA HIS A 49 -4.67 0.64 6.50
C HIS A 49 -4.51 -0.73 5.84
N PRO A 50 -3.59 -1.56 6.35
CA PRO A 50 -3.33 -2.85 5.69
C PRO A 50 -4.54 -3.79 5.69
N GLU A 51 -5.55 -3.54 6.51
CA GLU A 51 -6.74 -4.39 6.52
C GLU A 51 -7.57 -4.21 5.25
N PHE A 52 -7.42 -3.10 4.55
CA PHE A 52 -8.15 -2.87 3.31
C PHE A 52 -7.53 -3.65 2.16
N ASN A 53 -8.38 -4.08 1.24
CA ASN A 53 -7.95 -4.92 0.12
C ASN A 53 -6.96 -4.16 -0.75
N ARG A 54 -5.76 -4.73 -0.93
CA ARG A 54 -4.70 -4.04 -1.68
C ARG A 54 -5.06 -3.91 -3.15
N GLN A 55 -5.66 -4.94 -3.74
CA GLN A 55 -6.07 -4.86 -5.14
C GLN A 55 -7.09 -3.76 -5.35
N GLU A 56 -8.07 -3.66 -4.47
CA GLU A 56 -9.11 -2.63 -4.62
C GLU A 56 -8.55 -1.24 -4.43
N ALA A 57 -7.53 -1.08 -3.57
CA ALA A 57 -6.91 0.23 -3.39
C ALA A 57 -6.29 0.73 -4.69
N VAL A 58 -5.61 -0.16 -5.43
CA VAL A 58 -5.02 0.23 -6.71
C VAL A 58 -6.12 0.67 -7.68
N LEU A 59 -7.22 -0.08 -7.73
CA LEU A 59 -8.32 0.27 -8.63
C LEU A 59 -8.92 1.63 -8.24
N LEU A 60 -9.07 1.89 -6.95
CA LEU A 60 -9.61 3.17 -6.50
C LEU A 60 -8.67 4.32 -6.85
N ALA A 61 -7.36 4.09 -6.78
CA ALA A 61 -6.41 5.13 -7.18
C ALA A 61 -6.50 5.40 -8.68
N ILE A 62 -6.66 4.34 -9.49
CA ILE A 62 -6.84 4.52 -10.92
C ILE A 62 -8.14 5.28 -11.20
N GLU A 63 -9.24 4.83 -10.59
CA GLU A 63 -10.53 5.49 -10.81
C GLU A 63 -10.50 6.94 -10.36
N LEU A 64 -9.77 7.24 -9.29
CA LEU A 64 -9.62 8.63 -8.86
C LEU A 64 -8.98 9.48 -9.94
N MET A 65 -7.94 8.95 -10.61
CA MET A 65 -7.31 9.70 -11.69
C MET A 65 -8.21 9.81 -12.90
N VAL A 66 -8.94 8.73 -13.22
CA VAL A 66 -9.87 8.77 -14.35
C VAL A 66 -10.91 9.86 -14.16
N ARG A 67 -11.48 9.93 -12.96
CA ARG A 67 -12.51 10.93 -12.70
C ARG A 67 -11.92 12.33 -12.63
N ALA A 68 -10.75 12.48 -12.00
CA ALA A 68 -10.10 13.78 -11.93
C ALA A 68 -9.84 14.35 -13.32
N MET A 69 -9.37 13.50 -14.23
CA MET A 69 -9.07 13.94 -15.60
C MET A 69 -10.30 13.99 -16.49
N GLY A 70 -11.38 13.33 -16.10
CA GLY A 70 -12.59 13.33 -16.91
C GLY A 70 -12.52 12.48 -18.17
N VAL A 71 -11.82 11.36 -18.11
CA VAL A 71 -11.65 10.50 -19.26
C VAL A 71 -12.57 9.28 -19.13
N THR A 72 -12.76 8.59 -20.25
CA THR A 72 -13.65 7.43 -20.29
C THR A 72 -12.90 6.17 -19.86
N MET A 73 -13.57 5.34 -19.07
CA MET A 73 -12.98 4.11 -18.58
C MET A 73 -13.99 2.96 -18.72
N GLU A 74 -13.44 1.74 -18.70
CA GLU A 74 -14.23 0.52 -18.69
C GLU A 74 -13.56 -0.50 -17.78
N THR A 75 -14.37 -1.24 -17.04
CA THR A 75 -13.88 -2.27 -16.11
C THR A 75 -14.52 -3.59 -16.46
N HIS A 76 -13.70 -4.64 -16.53
CA HIS A 76 -14.18 -6.00 -16.77
C HIS A 76 -13.47 -6.95 -15.82
N ARG A 77 -14.24 -7.83 -15.19
CA ARG A 77 -13.71 -8.79 -14.24
C ARG A 77 -13.46 -10.13 -14.92
N SER A 78 -12.33 -10.78 -14.57
CA SER A 78 -11.98 -12.09 -15.09
C SER A 78 -11.49 -12.93 -13.91
N GLY A 79 -12.44 -13.41 -13.10
CA GLY A 79 -12.11 -14.16 -11.91
C GLY A 79 -11.45 -13.31 -10.85
N ASN A 80 -10.13 -13.45 -10.69
CA ASN A 80 -9.37 -12.66 -9.74
C ASN A 80 -8.69 -11.45 -10.38
N GLU A 81 -8.75 -11.33 -11.69
CA GLU A 81 -8.14 -10.21 -12.40
C GLU A 81 -9.17 -9.14 -12.73
N VAL A 82 -8.70 -7.90 -12.81
CA VAL A 82 -9.53 -6.75 -13.16
C VAL A 82 -8.82 -5.97 -14.25
N LYS A 83 -9.47 -5.79 -15.38
CA LYS A 83 -8.93 -5.04 -16.51
C LYS A 83 -9.60 -3.68 -16.58
N VAL A 84 -8.80 -2.62 -16.67
CA VAL A 84 -9.28 -1.25 -16.80
C VAL A 84 -8.78 -0.69 -18.12
N VAL A 85 -9.69 -0.19 -18.94
CA VAL A 85 -9.38 0.37 -20.25
C VAL A 85 -9.72 1.85 -20.22
N ILE A 86 -8.71 2.70 -20.40
CA ILE A 86 -8.85 4.15 -20.33
C ILE A 86 -8.51 4.74 -21.69
N LYS A 87 -9.43 5.50 -22.26
CA LYS A 87 -9.32 6.00 -23.63
C LYS A 87 -9.29 7.53 -23.65
N GLY A 88 -8.79 8.07 -24.76
CA GLY A 88 -8.79 9.51 -24.98
C GLY A 88 -7.70 10.28 -24.28
N LEU A 89 -6.60 9.63 -23.90
CA LEU A 89 -5.52 10.28 -23.19
C LEU A 89 -4.52 10.89 -24.17
N ASN A 90 -3.97 12.03 -23.80
CA ASN A 90 -2.85 12.58 -24.58
C ASN A 90 -1.54 11.96 -24.09
N ILE A 91 -0.45 12.33 -24.77
CA ILE A 91 0.84 11.71 -24.49
C ILE A 91 1.28 11.99 -23.06
N ASP A 92 1.08 13.23 -22.60
CA ASP A 92 1.47 13.56 -21.23
C ASP A 92 0.63 12.79 -20.22
N GLU A 93 -0.67 12.66 -20.48
CA GLU A 93 -1.53 11.93 -19.56
C GLU A 93 -1.22 10.44 -19.54
N GLN A 94 -0.80 9.88 -20.68
CA GLN A 94 -0.40 8.47 -20.72
C GLN A 94 0.84 8.23 -19.87
N ARG A 95 1.87 9.07 -20.04
CA ARG A 95 3.10 8.90 -19.30
C ARG A 95 2.88 9.07 -17.80
N ALA A 96 2.06 10.05 -17.41
CA ALA A 96 1.81 10.26 -15.98
C ALA A 96 0.93 9.16 -15.40
N LEU A 97 -0.03 8.65 -16.17
CA LEU A 97 -0.85 7.55 -15.67
C LEU A 97 -0.05 6.26 -15.54
N TYR A 98 0.81 5.97 -16.53
CA TYR A 98 1.72 4.84 -16.40
C TYR A 98 2.58 4.99 -15.14
N ARG A 99 3.19 6.17 -14.98
CA ARG A 99 4.04 6.43 -13.82
C ARG A 99 3.26 6.26 -12.52
N ALA A 100 2.03 6.77 -12.46
CA ALA A 100 1.28 6.74 -11.22
C ALA A 100 0.81 5.34 -10.86
N VAL A 101 0.41 4.55 -11.87
CA VAL A 101 -0.05 3.20 -11.61
C VAL A 101 1.11 2.31 -11.14
N ARG A 102 2.29 2.48 -11.75
CA ARG A 102 3.46 1.74 -11.30
C ARG A 102 3.77 2.05 -9.84
N GLU A 103 3.82 3.35 -9.50
CA GLU A 103 4.15 3.73 -8.12
C GLU A 103 3.09 3.26 -7.14
N THR A 104 1.81 3.39 -7.49
CA THR A 104 0.75 2.95 -6.60
C THR A 104 0.76 1.44 -6.42
N SER A 105 1.05 0.69 -7.50
CA SER A 105 1.14 -0.76 -7.40
C SER A 105 2.27 -1.17 -6.46
N LYS A 106 3.43 -0.50 -6.57
CA LYS A 106 4.55 -0.81 -5.69
C LYS A 106 4.22 -0.50 -4.23
N ILE A 107 3.53 0.62 -3.99
CA ILE A 107 3.15 0.97 -2.62
C ILE A 107 2.24 -0.10 -2.03
N MET A 108 1.29 -0.60 -2.81
CA MET A 108 0.35 -1.60 -2.32
C MET A 108 0.87 -3.03 -2.43
N GLY A 109 2.03 -3.25 -3.03
CA GLY A 109 2.53 -4.59 -3.23
C GLY A 109 1.68 -5.43 -4.17
N VAL A 110 1.16 -4.82 -5.22
CA VAL A 110 0.24 -5.46 -6.16
C VAL A 110 0.89 -5.52 -7.54
N GLU A 111 0.73 -6.66 -8.22
CA GLU A 111 1.24 -6.83 -9.56
C GLU A 111 0.23 -6.31 -10.57
N THR A 112 0.64 -5.37 -11.40
CA THR A 112 -0.21 -4.82 -12.46
C THR A 112 0.57 -4.80 -13.77
N GLU A 113 -0.15 -5.03 -14.86
CA GLU A 113 0.42 -4.96 -16.21
C GLU A 113 -0.25 -3.81 -16.94
N ILE A 114 0.56 -3.04 -17.68
CA ILE A 114 0.09 -1.84 -18.36
C ILE A 114 0.45 -1.94 -19.84
N GLU A 115 -0.52 -1.68 -20.70
CA GLU A 115 -0.32 -1.67 -22.14
C GLU A 115 -0.85 -0.35 -22.70
N VAL A 116 -0.07 0.26 -23.60
CA VAL A 116 -0.44 1.52 -24.23
C VAL A 116 -0.55 1.30 -25.72
N GLU A 117 -1.68 1.71 -26.30
CA GLU A 117 -1.89 1.61 -27.74
C GLU A 117 -2.78 2.77 -28.16
N GLY A 118 -2.26 3.65 -29.01
CA GLY A 118 -3.02 4.82 -29.40
C GLY A 118 -3.30 5.71 -28.20
N ASP A 119 -4.54 6.18 -28.12
CA ASP A 119 -5.01 6.94 -26.96
C ASP A 119 -5.41 6.05 -25.80
N THR A 120 -5.33 4.73 -25.95
CA THR A 120 -5.91 3.79 -25.01
C THR A 120 -4.81 3.18 -24.13
N VAL A 121 -5.03 3.19 -22.82
CA VAL A 121 -4.17 2.53 -21.85
C VAL A 121 -4.97 1.44 -21.17
N THR A 122 -4.43 0.22 -21.19
CA THR A 122 -5.08 -0.93 -20.59
C THR A 122 -4.29 -1.38 -19.37
N ILE A 123 -4.97 -1.48 -18.23
CA ILE A 123 -4.35 -1.85 -16.96
C ILE A 123 -5.02 -3.12 -16.46
N VAL A 124 -4.21 -4.11 -16.08
CA VAL A 124 -4.69 -5.37 -15.54
C VAL A 124 -4.14 -5.52 -14.13
N VAL A 125 -5.04 -5.51 -13.15
CA VAL A 125 -4.68 -5.71 -11.75
C VAL A 125 -5.04 -7.13 -11.36
N ARG A 126 -4.07 -7.85 -10.78
CA ARG A 126 -4.20 -9.27 -10.51
C ARG A 126 -4.22 -9.53 -9.02
N GLU A 127 -4.97 -10.57 -8.62
CA GLU A 127 -5.02 -11.05 -7.24
C GLU A 127 -5.52 -10.00 -6.25
N GLU B 5 -2.67 11.77 11.11
CA GLU B 5 -1.94 11.29 12.26
C GLU B 5 -0.43 11.26 11.99
N ALA B 6 0.34 11.74 12.97
CA ALA B 6 1.80 11.77 12.81
C ALA B 6 2.37 10.36 12.73
N VAL B 7 1.70 9.38 13.32
CA VAL B 7 2.18 7.99 13.23
C VAL B 7 2.06 7.48 11.81
N ARG B 8 0.90 7.69 11.18
CA ARG B 8 0.72 7.24 9.81
C ARG B 8 1.66 7.98 8.86
N ARG B 9 1.89 9.27 9.12
CA ARG B 9 2.87 10.02 8.33
C ARG B 9 4.26 9.42 8.47
N ARG B 10 4.63 9.00 9.69
CA ARG B 10 5.93 8.38 9.89
C ARG B 10 6.01 7.04 9.17
N PHE B 11 4.93 6.25 9.23
CA PHE B 11 4.90 4.98 8.51
C PHE B 11 5.10 5.17 7.02
N GLU B 12 4.44 6.19 6.44
CA GLU B 12 4.59 6.44 5.01
C GLU B 12 6.03 6.81 4.68
N GLU B 13 6.68 7.60 5.54
CA GLU B 13 8.09 7.91 5.33
C GLU B 13 8.96 6.66 5.42
N LEU B 14 8.67 5.76 6.37
CA LEU B 14 9.45 4.54 6.48
C LEU B 14 9.12 3.58 5.34
N LEU B 15 7.87 3.58 4.86
CA LEU B 15 7.53 2.76 3.71
C LEU B 15 8.27 3.21 2.46
N ARG B 16 8.34 4.54 2.24
CA ARG B 16 9.11 5.04 1.10
C ARG B 16 10.58 4.69 1.24
N GLU B 17 11.09 4.64 2.47
CA GLU B 17 12.47 4.19 2.67
C GLU B 17 12.61 2.71 2.36
N ALA B 18 11.64 1.89 2.78
CA ALA B 18 11.71 0.45 2.52
C ALA B 18 11.66 0.16 1.02
N LEU B 19 10.86 0.90 0.27
CA LEU B 19 10.76 0.66 -1.16
C LEU B 19 11.98 1.19 -1.91
N ALA B 20 12.50 2.34 -1.50
CA ALA B 20 13.70 2.88 -2.13
C ALA B 20 14.92 2.04 -1.80
N PHE B 21 14.99 1.52 -0.57
CA PHE B 21 16.10 0.66 -0.19
C PHE B 21 16.08 -0.65 -0.98
N ARG B 22 14.88 -1.18 -1.24
CA ARG B 22 14.77 -2.42 -2.01
C ARG B 22 15.28 -2.25 -3.43
N GLU B 23 15.23 -1.03 -3.96
CA GLU B 23 15.74 -0.78 -5.30
C GLU B 23 17.26 -0.74 -5.32
N ARG B 24 17.87 -0.15 -4.28
CA ARG B 24 19.32 0.00 -4.22
C ARG B 24 20.00 -1.12 -3.45
N THR B 25 19.26 -2.09 -2.93
CA THR B 25 19.87 -3.16 -2.16
C THR B 25 20.54 -4.19 -3.07
N GLY B 26 21.44 -4.96 -2.49
CA GLY B 26 22.15 -5.98 -3.22
C GLY B 26 22.15 -7.32 -2.51
N GLY B 27 21.02 -7.70 -1.95
CA GLY B 27 20.91 -8.98 -1.26
C GLY B 27 19.75 -9.01 -0.29
N ARG B 28 19.32 -10.24 0.04
CA ARG B 28 18.25 -10.44 1.00
C ARG B 28 18.71 -10.28 2.44
N ARG B 29 20.01 -10.33 2.71
CA ARG B 29 20.50 -10.17 4.07
C ARG B 29 20.48 -8.70 4.50
N GLU B 30 20.99 -7.80 3.64
CA GLU B 30 20.91 -6.37 3.95
C GLU B 30 19.48 -5.88 3.99
N THR B 31 18.63 -6.43 3.11
CA THR B 31 17.21 -6.06 3.13
C THR B 31 16.55 -6.49 4.43
N LEU B 32 17.00 -7.61 5.00
CA LEU B 32 16.41 -8.09 6.25
C LEU B 32 16.85 -7.23 7.43
N GLU B 33 18.13 -6.86 7.48
CA GLU B 33 18.61 -6.02 8.57
C GLU B 33 17.94 -4.65 8.54
N HIS B 34 17.75 -4.09 7.34
CA HIS B 34 17.09 -2.80 7.21
C HIS B 34 15.61 -2.91 7.57
N ALA B 35 14.99 -4.05 7.24
CA ALA B 35 13.56 -4.21 7.51
C ALA B 35 13.28 -4.28 9.01
N VAL B 36 14.14 -4.96 9.76
CA VAL B 36 13.96 -5.06 11.21
C VAL B 36 14.10 -3.69 11.85
N ARG B 37 15.08 -2.90 11.40
CA ARG B 37 15.27 -1.56 11.97
C ARG B 37 14.07 -0.66 11.70
N LEU B 38 13.52 -0.72 10.48
CA LEU B 38 12.37 0.10 10.15
C LEU B 38 11.17 -0.24 11.03
N ALA B 39 10.93 -1.54 11.27
CA ALA B 39 9.83 -1.94 12.14
C ALA B 39 10.03 -1.42 13.55
N ARG B 40 11.28 -1.44 14.05
CA ARG B 40 11.55 -0.93 15.38
C ARG B 40 11.38 0.58 15.44
N GLU B 41 11.75 1.29 14.37
CA GLU B 41 11.58 2.73 14.34
C GLU B 41 10.10 3.12 14.39
N LEU B 42 9.26 2.39 13.67
CA LEU B 42 7.82 2.69 13.69
C LEU B 42 7.22 2.35 15.05
N ALA B 43 7.58 1.20 15.62
CA ALA B 43 7.07 0.83 16.94
C ALA B 43 7.45 1.84 18.00
N GLU B 44 8.73 2.24 18.03
CA GLU B 44 9.18 3.20 19.04
C GLU B 44 8.51 4.55 18.87
N PHE B 45 8.30 4.99 17.63
CA PHE B 45 7.59 6.25 17.40
C PHE B 45 6.14 6.15 17.84
N ALA B 46 5.46 5.06 17.47
CA ALA B 46 4.06 4.87 17.83
C ALA B 46 3.88 4.78 19.35
N ALA B 47 4.83 4.15 20.04
CA ALA B 47 4.78 4.09 21.50
C ALA B 47 4.86 5.48 22.13
N SER B 48 5.36 6.47 21.40
CA SER B 48 5.37 7.84 21.89
C SER B 48 4.10 8.60 21.55
N HIS B 49 3.14 7.94 20.89
CA HIS B 49 1.83 8.52 20.58
C HIS B 49 0.77 7.57 21.15
N PRO B 50 0.50 7.65 22.46
CA PRO B 50 -0.42 6.66 23.07
C PRO B 50 -1.85 6.77 22.56
N GLU B 51 -2.23 7.89 21.94
CA GLU B 51 -3.57 7.98 21.37
C GLU B 51 -3.73 7.11 20.14
N PHE B 52 -2.63 6.73 19.48
CA PHE B 52 -2.72 5.90 18.29
C PHE B 52 -2.97 4.44 18.67
N ASN B 53 -3.82 3.78 17.90
CA ASN B 53 -4.20 2.40 18.18
C ASN B 53 -2.97 1.50 18.15
N ARG B 54 -2.65 0.87 19.29
CA ARG B 54 -1.44 0.08 19.38
C ARG B 54 -1.53 -1.20 18.56
N GLN B 55 -2.74 -1.75 18.41
CA GLN B 55 -2.90 -2.90 17.53
C GLN B 55 -2.59 -2.54 16.09
N GLU B 56 -3.07 -1.38 15.63
CA GLU B 56 -2.77 -0.94 14.28
C GLU B 56 -1.29 -0.67 14.10
N ALA B 57 -0.61 -0.18 15.14
CA ALA B 57 0.82 0.09 15.05
C ALA B 57 1.61 -1.19 14.81
N VAL B 58 1.24 -2.29 15.46
CA VAL B 58 1.94 -3.55 15.24
C VAL B 58 1.75 -4.02 13.81
N LEU B 59 0.53 -3.85 13.26
CA LEU B 59 0.28 -4.24 11.88
C LEU B 59 1.12 -3.41 10.91
N LEU B 60 1.28 -2.12 11.20
CA LEU B 60 2.08 -1.26 10.33
C LEU B 60 3.56 -1.63 10.40
N ALA B 61 4.04 -2.00 11.59
CA ALA B 61 5.42 -2.47 11.71
C ALA B 61 5.63 -3.76 10.93
N ILE B 62 4.62 -4.64 10.92
CA ILE B 62 4.73 -5.86 10.13
C ILE B 62 4.73 -5.52 8.64
N GLU B 63 3.83 -4.63 8.21
CA GLU B 63 3.76 -4.27 6.80
C GLU B 63 5.07 -3.70 6.29
N LEU B 64 5.74 -2.87 7.12
CA LEU B 64 7.04 -2.35 6.70
C LEU B 64 8.01 -3.46 6.37
N MET B 65 8.08 -4.49 7.22
CA MET B 65 9.00 -5.59 6.97
C MET B 65 8.58 -6.40 5.76
N VAL B 66 7.28 -6.64 5.60
CA VAL B 66 6.78 -7.40 4.46
C VAL B 66 7.10 -6.66 3.16
N ARG B 67 6.84 -5.35 3.13
CA ARG B 67 7.09 -4.59 1.91
C ARG B 67 8.59 -4.44 1.65
N ALA B 68 9.39 -4.35 2.70
CA ALA B 68 10.84 -4.26 2.52
C ALA B 68 11.40 -5.55 1.94
N MET B 69 11.03 -6.70 2.52
CA MET B 69 11.51 -7.99 2.04
C MET B 69 10.85 -8.41 0.73
N GLY B 70 9.79 -7.74 0.31
CA GLY B 70 9.14 -8.08 -0.94
C GLY B 70 8.32 -9.34 -0.89
N VAL B 71 7.73 -9.66 0.26
CA VAL B 71 6.86 -10.83 0.36
C VAL B 71 5.41 -10.35 0.42
N THR B 72 4.47 -11.28 0.55
CA THR B 72 3.06 -10.98 0.56
C THR B 72 2.50 -11.04 1.98
N MET B 73 1.39 -10.35 2.18
CA MET B 73 0.74 -10.27 3.49
C MET B 73 -0.77 -10.32 3.30
N GLU B 74 -1.42 -11.18 4.07
CA GLU B 74 -2.88 -11.31 4.06
C GLU B 74 -3.39 -11.07 5.47
N THR B 75 -4.29 -10.09 5.62
CA THR B 75 -4.78 -9.67 6.92
C THR B 75 -6.29 -9.88 6.97
N HIS B 76 -6.74 -10.68 7.94
CA HIS B 76 -8.17 -10.95 8.15
C HIS B 76 -8.51 -10.68 9.60
N ARG B 77 -9.60 -9.94 9.82
CA ARG B 77 -10.05 -9.59 11.15
C ARG B 77 -11.31 -10.37 11.51
N SER B 78 -11.29 -10.99 12.69
CA SER B 78 -12.46 -11.69 13.24
C SER B 78 -12.68 -11.13 14.64
N GLY B 79 -13.62 -10.19 14.77
CA GLY B 79 -13.89 -9.56 16.04
C GLY B 79 -12.82 -8.56 16.42
N ASN B 80 -12.20 -8.77 17.59
CA ASN B 80 -11.17 -7.87 18.11
C ASN B 80 -9.75 -8.31 17.76
N GLU B 81 -9.60 -9.39 17.00
CA GLU B 81 -8.29 -9.91 16.64
C GLU B 81 -8.03 -9.73 15.15
N VAL B 82 -6.76 -9.60 14.80
CA VAL B 82 -6.33 -9.47 13.41
C VAL B 82 -5.30 -10.55 13.14
N LYS B 83 -5.58 -11.41 12.15
CA LYS B 83 -4.69 -12.49 11.77
C LYS B 83 -3.93 -12.09 10.52
N VAL B 84 -2.59 -12.23 10.56
CA VAL B 84 -1.71 -11.88 9.45
C VAL B 84 -1.00 -13.14 9.00
N VAL B 85 -1.03 -13.40 7.69
CA VAL B 85 -0.40 -14.56 7.08
C VAL B 85 0.64 -14.09 6.08
N ILE B 86 1.89 -14.49 6.28
CA ILE B 86 3.02 -14.07 5.45
C ILE B 86 3.64 -15.30 4.81
N LYS B 87 3.83 -15.26 3.49
CA LYS B 87 4.33 -16.38 2.73
C LYS B 87 5.65 -16.02 2.04
N GLY B 88 6.46 -17.05 1.78
CA GLY B 88 7.65 -16.91 0.98
C GLY B 88 8.93 -16.58 1.72
N LEU B 89 8.92 -16.64 3.05
CA LEU B 89 10.10 -16.32 3.84
C LEU B 89 11.03 -17.52 3.93
N ASN B 90 12.34 -17.26 3.92
CA ASN B 90 13.31 -18.30 4.19
C ASN B 90 13.51 -18.43 5.70
N ILE B 91 14.41 -19.33 6.11
CA ILE B 91 14.54 -19.63 7.54
C ILE B 91 15.12 -18.43 8.29
N ASP B 92 16.04 -17.68 7.67
CA ASP B 92 16.60 -16.52 8.35
C ASP B 92 15.57 -15.41 8.49
N GLU B 93 14.75 -15.19 7.45
CA GLU B 93 13.71 -14.17 7.53
C GLU B 93 12.62 -14.56 8.51
N GLN B 94 12.30 -15.84 8.62
CA GLN B 94 11.31 -16.29 9.61
C GLN B 94 11.79 -16.00 11.03
N ARG B 95 13.09 -16.24 11.30
CA ARG B 95 13.62 -15.98 12.63
C ARG B 95 13.65 -14.48 12.94
N ALA B 96 14.10 -13.67 11.97
CA ALA B 96 14.18 -12.23 12.21
C ALA B 96 12.80 -11.61 12.33
N LEU B 97 11.82 -12.11 11.56
CA LEU B 97 10.47 -11.61 11.67
C LEU B 97 9.86 -11.98 13.03
N TYR B 98 10.05 -13.22 13.47
CA TYR B 98 9.59 -13.62 14.79
C TYR B 98 10.18 -12.70 15.85
N ARG B 99 11.49 -12.48 15.80
CA ARG B 99 12.17 -11.64 16.79
C ARG B 99 11.71 -10.19 16.71
N ALA B 100 11.38 -9.70 15.52
CA ALA B 100 10.93 -8.32 15.38
C ALA B 100 9.47 -8.16 15.80
N VAL B 101 8.63 -9.15 15.52
CA VAL B 101 7.23 -9.06 15.93
C VAL B 101 7.13 -9.11 17.46
N ARG B 102 7.89 -10.00 18.10
CA ARG B 102 7.87 -10.06 19.56
C ARG B 102 8.40 -8.78 20.17
N GLU B 103 9.41 -8.15 19.55
CA GLU B 103 9.97 -6.92 20.09
C GLU B 103 8.99 -5.75 19.94
N THR B 104 8.41 -5.59 18.75
CA THR B 104 7.51 -4.47 18.53
C THR B 104 6.23 -4.61 19.35
N SER B 105 5.74 -5.85 19.53
CA SER B 105 4.56 -6.07 20.35
C SER B 105 4.83 -5.76 21.82
N LYS B 106 6.04 -6.04 22.30
CA LYS B 106 6.40 -5.66 23.65
C LYS B 106 6.46 -4.15 23.80
N ILE B 107 7.02 -3.46 22.79
CA ILE B 107 7.10 -2.01 22.84
C ILE B 107 5.72 -1.38 22.88
N MET B 108 4.80 -1.87 22.05
CA MET B 108 3.46 -1.29 21.96
C MET B 108 2.55 -1.72 23.10
N GLY B 109 2.87 -2.81 23.79
CA GLY B 109 2.00 -3.30 24.85
C GLY B 109 0.82 -4.10 24.34
N VAL B 110 1.06 -4.99 23.39
CA VAL B 110 0.01 -5.75 22.71
C VAL B 110 0.44 -7.21 22.67
N GLU B 111 -0.45 -8.10 23.06
CA GLU B 111 -0.16 -9.53 23.00
C GLU B 111 -0.33 -10.05 21.58
N THR B 112 0.70 -10.72 21.07
CA THR B 112 0.66 -11.35 19.76
C THR B 112 1.14 -12.79 19.88
N GLU B 113 0.59 -13.65 19.03
CA GLU B 113 0.97 -15.05 18.95
C GLU B 113 1.43 -15.35 17.54
N ILE B 114 2.56 -16.03 17.42
CA ILE B 114 3.19 -16.30 16.13
C ILE B 114 3.26 -17.81 15.92
N GLU B 115 2.95 -18.25 14.70
CA GLU B 115 3.02 -19.65 14.32
C GLU B 115 3.80 -19.77 13.02
N VAL B 116 4.73 -20.73 12.96
CA VAL B 116 5.53 -20.99 11.78
C VAL B 116 5.18 -22.38 11.26
N GLU B 117 4.94 -22.48 9.96
CA GLU B 117 4.60 -23.76 9.33
C GLU B 117 5.02 -23.69 7.87
N GLY B 118 6.22 -24.20 7.59
CA GLY B 118 6.76 -24.12 6.24
C GLY B 118 7.24 -22.71 5.93
N ASP B 119 6.90 -22.23 4.73
CA ASP B 119 7.21 -20.86 4.33
C ASP B 119 6.17 -19.86 4.84
N THR B 120 5.26 -20.28 5.70
CA THR B 120 4.15 -19.46 6.15
C THR B 120 4.31 -19.11 7.62
N VAL B 121 4.27 -17.82 7.93
CA VAL B 121 4.31 -17.32 9.29
C VAL B 121 2.95 -16.66 9.58
N THR B 122 2.27 -17.15 10.62
CA THR B 122 0.95 -16.67 11.00
C THR B 122 1.02 -15.90 12.29
N ILE B 123 0.49 -14.68 12.29
CA ILE B 123 0.54 -13.78 13.45
C ILE B 123 -0.88 -13.36 13.80
N VAL B 124 -1.21 -13.44 15.09
CA VAL B 124 -2.50 -13.01 15.61
C VAL B 124 -2.24 -11.83 16.55
N VAL B 125 -2.76 -10.66 16.19
CA VAL B 125 -2.60 -9.44 16.98
C VAL B 125 -3.94 -9.14 17.62
N ARG B 126 -4.01 -9.24 18.95
CA ARG B 126 -5.23 -9.00 19.71
C ARG B 126 -5.02 -7.81 20.65
N GLU B 127 -5.95 -6.88 20.63
CA GLU B 127 -5.92 -5.73 21.52
C GLU B 127 -7.28 -5.06 21.60
#